data_5DQO
#
_entry.id   5DQO
#
_cell.length_a   60.398
_cell.length_b   60.398
_cell.length_c   246.729
_cell.angle_alpha   90.00
_cell.angle_beta   90.00
_cell.angle_gamma   120.00
#
_symmetry.space_group_name_H-M   'P 31'
#
loop_
_entity.id
_entity.type
_entity.pdbx_description
1 polymer 'DNA primase large subunit'
2 non-polymer 'IRON/SULFUR CLUSTER'
3 water water
#
_entity_poly.entity_id   1
_entity_poly.type   'polypeptide(L)'
_entity_poly.pdbx_seq_one_letter_code
;GSPNSLDQIDLLSTKSFPPCMRQLHKALRENHHLRHGGRMQYGLFLKGIGLTLEQALQFWKQEFIKGKMDPDKFDKGYSF
NIRHSFGKEGKRTDYTPFSCLKIILSNPPSQGDYHGCPFRHSDPELLKQKLQSYKISPGGISQILDLVKGTHYQVACQKY
FEMIHNVDDCGFSLNHPNQFFCESQRILNGGKDIKKE
;
_entity_poly.pdbx_strand_id   A,B,C,D
#
loop_
_chem_comp.id
_chem_comp.type
_chem_comp.name
_chem_comp.formula
SF4 non-polymer 'IRON/SULFUR CLUSTER' 'Fe4 S4'
#
# COMPACT_ATOMS: atom_id res chain seq x y z
N PRO A 3 1.93 3.69 -3.56
CA PRO A 3 2.69 3.83 -4.80
C PRO A 3 3.52 2.63 -5.00
N ASN A 4 3.15 1.81 -5.94
CA ASN A 4 3.93 0.66 -6.16
C ASN A 4 5.29 1.11 -6.73
N SER A 5 6.19 0.19 -7.00
CA SER A 5 7.46 0.54 -7.55
C SER A 5 7.32 0.41 -9.04
N LEU A 6 8.18 1.12 -9.74
CA LEU A 6 8.20 1.20 -11.18
C LEU A 6 8.35 -0.08 -11.96
N ASP A 7 9.14 -0.98 -11.44
CA ASP A 7 9.32 -2.23 -12.08
C ASP A 7 8.02 -3.03 -12.02
N GLN A 8 7.00 -2.43 -11.40
CA GLN A 8 5.69 -3.01 -11.27
C GLN A 8 4.94 -2.91 -12.57
N ILE A 9 5.45 -2.14 -13.50
CA ILE A 9 4.84 -2.00 -14.77
C ILE A 9 5.88 -2.23 -15.82
N ASP A 10 6.93 -2.94 -15.46
CA ASP A 10 7.99 -3.23 -16.38
C ASP A 10 7.45 -4.05 -17.52
N LEU A 11 6.51 -4.94 -17.26
CA LEU A 11 6.00 -5.80 -18.29
C LEU A 11 4.92 -5.19 -19.16
N LEU A 12 4.22 -4.24 -18.59
CA LEU A 12 3.12 -3.62 -19.20
C LEU A 12 3.65 -2.74 -20.31
N SER A 13 4.86 -2.22 -20.15
CA SER A 13 5.51 -1.35 -21.13
C SER A 13 5.89 -2.09 -22.36
N THR A 14 6.24 -3.37 -22.23
CA THR A 14 6.61 -4.16 -23.40
C THR A 14 5.32 -4.44 -24.15
N LYS A 15 4.33 -4.86 -23.38
CA LYS A 15 3.00 -5.15 -23.83
C LYS A 15 2.16 -4.10 -24.49
N SER A 16 2.08 -2.96 -23.87
CA SER A 16 1.20 -1.92 -24.29
C SER A 16 1.65 -0.48 -24.44
N PHE A 17 2.90 -0.17 -24.22
CA PHE A 17 3.37 1.19 -24.39
C PHE A 17 3.92 1.33 -25.79
N PRO A 18 3.83 2.52 -26.35
CA PRO A 18 4.30 2.77 -27.70
C PRO A 18 5.81 2.74 -27.67
N PRO A 19 6.43 3.03 -28.80
CA PRO A 19 7.91 3.02 -28.84
C PRO A 19 8.63 4.17 -28.15
N CYS A 20 7.86 5.25 -27.88
CA CYS A 20 8.36 6.39 -27.27
C CYS A 20 8.20 6.31 -25.80
N MET A 21 7.33 5.46 -25.33
CA MET A 21 7.08 5.34 -23.92
C MET A 21 7.76 4.16 -23.37
N ARG A 22 7.88 3.14 -24.16
CA ARG A 22 8.55 1.95 -23.80
C ARG A 22 9.99 2.34 -23.62
N GLN A 23 10.48 3.18 -24.51
CA GLN A 23 11.83 3.69 -24.49
C GLN A 23 12.14 4.59 -23.29
N LEU A 24 11.21 5.40 -22.85
CA LEU A 24 11.45 6.24 -21.70
C LEU A 24 11.46 5.38 -20.42
N HIS A 25 10.67 4.32 -20.39
CA HIS A 25 10.65 3.43 -19.26
C HIS A 25 11.98 2.80 -19.06
N LYS A 26 12.55 2.26 -20.12
CA LYS A 26 13.83 1.61 -20.03
C LYS A 26 14.87 2.49 -19.36
N ALA A 27 15.02 3.68 -19.91
CA ALA A 27 15.95 4.67 -19.48
C ALA A 27 15.72 5.15 -18.10
N LEU A 28 14.50 5.12 -17.62
CA LEU A 28 14.24 5.57 -16.26
C LEU A 28 14.63 4.54 -15.26
N ARG A 29 14.39 3.29 -15.60
CA ARG A 29 14.71 2.13 -14.80
C ARG A 29 16.17 1.86 -14.82
N GLU A 30 16.76 2.06 -15.98
CA GLU A 30 18.22 1.90 -16.19
C GLU A 30 19.11 3.03 -15.57
N ASN A 31 18.82 4.28 -15.86
CA ASN A 31 19.57 5.42 -15.38
C ASN A 31 19.09 6.09 -14.14
N HIS A 32 17.88 5.84 -13.71
CA HIS A 32 17.37 6.42 -12.48
C HIS A 32 17.03 7.88 -12.48
N HIS A 33 16.76 8.41 -13.63
CA HIS A 33 16.42 9.80 -13.75
C HIS A 33 16.10 9.90 -15.21
N LEU A 34 15.55 11.03 -15.59
CA LEU A 34 15.22 11.33 -16.93
C LEU A 34 15.43 12.77 -16.88
N ARG A 35 15.57 13.38 -18.03
CA ARG A 35 15.74 14.80 -18.08
C ARG A 35 14.38 15.36 -18.29
N HIS A 36 14.28 16.63 -18.48
CA HIS A 36 13.00 17.28 -18.61
C HIS A 36 12.02 16.78 -19.64
N GLY A 37 12.41 16.77 -20.89
CA GLY A 37 11.53 16.31 -21.93
C GLY A 37 11.15 14.87 -21.90
N GLY A 38 11.82 14.12 -21.07
CA GLY A 38 11.55 12.72 -20.93
C GLY A 38 10.69 12.47 -19.73
N ARG A 39 10.63 13.42 -18.83
CA ARG A 39 9.83 13.29 -17.65
C ARG A 39 8.48 13.73 -18.02
N MET A 40 8.43 14.80 -18.78
CA MET A 40 7.20 15.36 -19.22
C MET A 40 6.49 14.50 -20.22
N GLN A 41 7.23 13.87 -21.09
CA GLN A 41 6.64 13.03 -22.09
C GLN A 41 6.14 11.82 -21.36
N TYR A 42 7.02 11.22 -20.56
CA TYR A 42 6.69 10.00 -19.83
C TYR A 42 5.77 10.27 -18.65
N GLY A 43 5.97 11.41 -17.99
CA GLY A 43 5.16 11.73 -16.86
C GLY A 43 3.76 12.02 -17.27
N LEU A 44 3.57 12.76 -18.32
CA LEU A 44 2.24 13.05 -18.77
C LEU A 44 1.50 11.91 -19.42
N PHE A 45 2.17 11.01 -20.07
CA PHE A 45 1.56 9.84 -20.65
C PHE A 45 0.99 8.99 -19.53
N LEU A 46 1.73 8.83 -18.48
CA LEU A 46 1.24 8.05 -17.42
C LEU A 46 0.06 8.69 -16.74
N LYS A 47 0.11 9.99 -16.59
CA LYS A 47 -1.00 10.65 -16.04
C LYS A 47 -2.24 10.43 -16.88
N GLY A 48 -2.09 10.41 -18.21
CA GLY A 48 -3.17 10.10 -19.12
C GLY A 48 -3.82 8.75 -18.89
N ILE A 49 -3.06 7.83 -18.34
CA ILE A 49 -3.50 6.48 -17.97
C ILE A 49 -4.26 6.47 -16.63
N GLY A 50 -4.06 7.50 -15.84
CA GLY A 50 -4.67 7.62 -14.57
C GLY A 50 -3.70 7.29 -13.51
N LEU A 51 -2.44 7.10 -13.84
CA LEU A 51 -1.44 6.84 -12.84
C LEU A 51 -0.67 8.11 -12.58
N THR A 52 0.08 8.14 -11.51
CA THR A 52 0.90 9.30 -11.20
C THR A 52 2.31 8.99 -10.72
N LEU A 53 3.30 9.16 -11.56
CA LEU A 53 4.71 8.94 -11.21
C LEU A 53 5.25 9.99 -10.23
N GLU A 54 6.02 9.60 -9.24
CA GLU A 54 6.54 10.55 -8.26
C GLU A 54 7.96 10.19 -7.96
N GLN A 55 8.78 11.22 -7.76
CA GLN A 55 10.22 11.03 -7.56
C GLN A 55 10.84 11.07 -6.16
N ALA A 56 10.08 10.65 -5.16
CA ALA A 56 10.56 10.66 -3.78
C ALA A 56 11.99 10.21 -3.66
N SER A 79 14.52 6.55 -6.25
CA SER A 79 13.23 6.20 -5.69
C SER A 79 12.07 6.77 -6.49
N PHE A 80 11.53 5.97 -7.39
CA PHE A 80 10.43 6.40 -8.20
C PHE A 80 9.20 5.56 -7.97
N ASN A 81 8.11 6.25 -7.83
CA ASN A 81 6.84 5.68 -7.57
C ASN A 81 5.77 6.22 -8.50
N ILE A 82 4.81 5.33 -8.61
CA ILE A 82 3.64 5.49 -9.40
C ILE A 82 2.51 4.95 -8.61
N ARG A 83 1.40 5.64 -8.73
CA ARG A 83 0.23 5.29 -8.03
C ARG A 83 -0.89 5.68 -8.89
N HIS A 84 -2.08 5.62 -8.34
CA HIS A 84 -3.29 5.95 -9.03
C HIS A 84 -3.64 7.34 -8.75
N SER A 85 -4.27 7.97 -9.71
CA SER A 85 -4.65 9.31 -9.57
C SER A 85 -5.90 9.61 -8.76
N PHE A 86 -6.80 8.66 -8.64
CA PHE A 86 -8.01 8.89 -7.88
C PHE A 86 -7.61 9.03 -6.43
N TYR A 95 -1.26 20.40 -17.28
CA TYR A 95 -0.48 19.89 -18.40
C TYR A 95 -1.24 18.83 -19.18
N THR A 96 -1.13 18.88 -20.51
CA THR A 96 -1.81 17.93 -21.36
C THR A 96 -1.04 16.88 -22.15
N PRO A 97 -1.38 15.62 -21.93
CA PRO A 97 -0.62 14.50 -22.48
C PRO A 97 -0.30 14.72 -23.95
N PHE A 98 0.92 14.39 -24.35
CA PHE A 98 1.40 14.72 -25.68
C PHE A 98 0.86 13.89 -26.81
N SER A 99 0.57 14.51 -27.94
CA SER A 99 0.03 13.85 -29.10
C SER A 99 1.16 13.31 -29.92
N CYS A 100 0.90 12.54 -30.95
CA CYS A 100 1.97 11.96 -31.76
C CYS A 100 2.71 13.05 -32.48
N LEU A 101 1.96 13.98 -33.02
CA LEU A 101 2.43 15.18 -33.68
C LEU A 101 3.17 16.17 -32.83
N LYS A 102 2.72 16.38 -31.60
CA LYS A 102 3.46 17.22 -30.68
C LYS A 102 4.91 16.59 -30.59
N ILE A 103 4.97 15.38 -30.11
CA ILE A 103 6.20 14.69 -29.88
C ILE A 103 7.06 14.66 -31.10
N ILE A 104 6.50 14.34 -32.24
CA ILE A 104 7.23 14.26 -33.47
C ILE A 104 7.67 15.61 -34.00
N LEU A 105 6.84 16.62 -33.93
CA LEU A 105 7.22 17.90 -34.50
C LEU A 105 7.81 18.98 -33.59
N SER A 106 7.91 18.71 -32.32
CA SER A 106 8.36 19.64 -31.35
C SER A 106 9.31 18.90 -30.43
N ASN A 107 10.13 19.65 -29.73
CA ASN A 107 11.06 19.06 -28.76
C ASN A 107 11.91 17.88 -29.11
N PRO A 108 12.61 17.97 -30.22
CA PRO A 108 13.52 16.93 -30.60
C PRO A 108 14.54 16.64 -29.55
N PRO A 109 15.00 15.41 -29.43
CA PRO A 109 15.98 15.07 -28.39
C PRO A 109 17.48 15.29 -28.64
N SER A 110 18.13 15.87 -27.63
CA SER A 110 19.54 16.13 -27.54
C SER A 110 20.10 14.84 -27.05
N GLN A 111 21.40 14.72 -26.94
CA GLN A 111 22.02 13.49 -26.56
C GLN A 111 21.77 13.02 -25.18
N GLY A 112 21.58 13.95 -24.29
CA GLY A 112 21.31 13.61 -22.92
C GLY A 112 19.91 13.13 -22.73
N ASP A 113 19.08 13.38 -23.73
CA ASP A 113 17.67 13.04 -23.73
C ASP A 113 17.30 11.73 -24.34
N TYR A 114 16.25 11.14 -23.79
CA TYR A 114 15.70 9.89 -24.27
C TYR A 114 14.24 10.02 -24.74
N HIS A 115 13.77 11.21 -25.06
CA HIS A 115 12.41 11.40 -25.50
C HIS A 115 12.13 11.50 -26.99
N GLY A 116 10.92 11.86 -27.35
CA GLY A 116 10.48 11.97 -28.73
C GLY A 116 9.96 10.69 -29.40
N CYS A 117 9.64 10.68 -30.69
CA CYS A 117 9.24 9.47 -31.39
C CYS A 117 10.49 8.79 -31.87
N PRO A 118 10.58 7.49 -31.67
CA PRO A 118 11.74 6.72 -32.11
C PRO A 118 11.76 6.64 -33.64
N PHE A 119 10.66 6.20 -34.22
CA PHE A 119 10.52 6.10 -35.66
C PHE A 119 10.86 7.37 -36.34
N ARG A 120 10.79 8.48 -35.64
CA ARG A 120 11.10 9.73 -36.24
C ARG A 120 12.48 10.20 -35.84
N HIS A 121 12.84 10.08 -34.58
CA HIS A 121 14.10 10.58 -34.09
C HIS A 121 15.32 9.62 -34.06
N SER A 122 15.08 8.36 -34.24
CA SER A 122 16.13 7.39 -34.23
C SER A 122 16.76 7.24 -35.58
N ASP A 123 18.06 7.03 -35.60
CA ASP A 123 18.71 6.69 -36.81
C ASP A 123 18.06 5.40 -37.17
N PRO A 124 17.96 5.06 -38.49
CA PRO A 124 17.27 3.78 -38.72
C PRO A 124 18.15 2.62 -38.47
N GLU A 125 19.43 2.87 -38.32
CA GLU A 125 20.32 1.80 -38.06
C GLU A 125 20.10 1.41 -36.64
N LEU A 126 19.88 2.38 -35.80
CA LEU A 126 19.68 2.08 -34.42
C LEU A 126 18.27 1.62 -34.15
N LEU A 127 17.37 2.06 -34.97
CA LEU A 127 16.04 1.67 -34.83
C LEU A 127 16.00 0.21 -35.18
N LYS A 128 16.71 -0.12 -36.22
CA LYS A 128 16.79 -1.48 -36.69
C LYS A 128 17.33 -2.44 -35.63
N GLN A 129 18.17 -1.99 -34.72
CA GLN A 129 18.70 -2.85 -33.70
C GLN A 129 17.80 -2.81 -32.52
N LYS A 130 17.01 -1.77 -32.45
CA LYS A 130 16.09 -1.61 -31.37
C LYS A 130 14.91 -2.45 -31.67
N LEU A 131 14.54 -2.50 -32.92
CA LEU A 131 13.40 -3.29 -33.30
C LEU A 131 13.71 -4.73 -33.29
N GLN A 132 14.95 -5.10 -33.37
CA GLN A 132 15.31 -6.49 -33.34
C GLN A 132 15.24 -6.89 -31.92
N SER A 133 15.74 -6.03 -31.08
CA SER A 133 15.77 -6.26 -29.69
C SER A 133 14.41 -6.52 -29.14
N TYR A 134 13.38 -6.02 -29.81
CA TYR A 134 12.01 -6.20 -29.34
C TYR A 134 11.35 -7.37 -30.04
N LYS A 135 12.12 -8.21 -30.68
CA LYS A 135 11.50 -9.40 -31.15
C LYS A 135 10.51 -9.24 -32.29
N ILE A 136 10.78 -8.33 -33.18
CA ILE A 136 10.03 -8.25 -34.39
C ILE A 136 10.82 -8.95 -35.48
N SER A 137 10.16 -9.69 -36.34
CA SER A 137 10.82 -10.40 -37.43
C SER A 137 11.30 -9.52 -38.57
N PRO A 138 12.10 -10.10 -39.46
CA PRO A 138 12.62 -9.36 -40.61
C PRO A 138 11.51 -8.71 -41.44
N GLY A 139 10.45 -9.46 -41.70
CA GLY A 139 9.36 -8.93 -42.47
C GLY A 139 8.71 -7.76 -41.80
N GLY A 140 8.82 -7.69 -40.51
CA GLY A 140 8.24 -6.59 -39.78
C GLY A 140 9.19 -5.44 -39.78
N ILE A 141 10.45 -5.74 -39.64
CA ILE A 141 11.46 -4.74 -39.64
C ILE A 141 11.60 -4.14 -40.99
N SER A 142 11.29 -4.90 -42.01
CA SER A 142 11.39 -4.40 -43.35
C SER A 142 10.31 -3.41 -43.67
N GLN A 143 9.11 -3.75 -43.30
CA GLN A 143 8.00 -2.91 -43.56
C GLN A 143 8.03 -1.63 -42.76
N ILE A 144 8.40 -1.76 -41.51
CA ILE A 144 8.46 -0.63 -40.67
C ILE A 144 9.45 0.32 -41.23
N LEU A 145 10.56 -0.16 -41.72
CA LEU A 145 11.58 0.70 -42.24
C LEU A 145 11.18 1.43 -43.47
N ASP A 146 10.57 0.74 -44.38
CA ASP A 146 10.09 1.36 -45.56
C ASP A 146 9.24 2.56 -45.19
N LEU A 147 8.33 2.40 -44.23
CA LEU A 147 7.44 3.44 -43.76
C LEU A 147 8.14 4.63 -43.17
N VAL A 148 9.22 4.39 -42.49
CA VAL A 148 10.00 5.41 -41.91
C VAL A 148 10.66 6.16 -43.05
N LYS A 149 10.92 5.47 -44.13
CA LYS A 149 11.56 6.07 -45.24
C LYS A 149 10.61 7.00 -45.84
N GLY A 150 9.37 6.60 -45.96
CA GLY A 150 8.38 7.47 -46.48
C GLY A 150 8.02 8.62 -45.56
N THR A 151 8.58 8.66 -44.39
CA THR A 151 8.29 9.65 -43.38
C THR A 151 6.96 9.44 -42.71
N HIS A 152 6.43 8.26 -42.87
CA HIS A 152 5.16 7.87 -42.30
C HIS A 152 5.55 7.21 -40.95
N TYR A 153 5.91 7.98 -39.96
CA TYR A 153 6.27 7.46 -38.67
C TYR A 153 5.13 6.92 -37.87
N GLN A 154 3.98 7.58 -37.93
CA GLN A 154 2.83 7.10 -37.22
C GLN A 154 2.37 5.80 -37.81
N VAL A 155 2.50 5.62 -39.09
CA VAL A 155 2.04 4.35 -39.62
C VAL A 155 3.17 3.33 -39.36
N ALA A 156 4.38 3.85 -39.33
CA ALA A 156 5.47 2.98 -38.90
C ALA A 156 5.12 2.40 -37.56
N CYS A 157 4.48 3.17 -36.71
CA CYS A 157 4.04 2.71 -35.37
C CYS A 157 2.78 1.80 -35.38
N GLN A 158 1.95 1.88 -36.38
CA GLN A 158 0.84 0.97 -36.45
C GLN A 158 1.38 -0.39 -36.79
N LYS A 159 2.43 -0.43 -37.58
CA LYS A 159 3.01 -1.69 -37.93
C LYS A 159 3.51 -2.36 -36.71
N TYR A 160 4.09 -1.57 -35.80
CA TYR A 160 4.59 -2.11 -34.55
C TYR A 160 3.45 -2.66 -33.68
N PHE A 161 2.32 -1.97 -33.65
CA PHE A 161 1.20 -2.40 -32.88
C PHE A 161 0.71 -3.72 -33.34
N GLU A 162 0.50 -3.82 -34.63
CA GLU A 162 -0.02 -5.02 -35.19
C GLU A 162 0.93 -6.15 -35.04
N MET A 163 2.21 -5.91 -35.13
CA MET A 163 3.16 -6.96 -35.01
C MET A 163 3.19 -7.51 -33.64
N ILE A 164 3.11 -6.65 -32.66
CA ILE A 164 3.14 -7.00 -31.25
C ILE A 164 1.90 -7.73 -30.80
N HIS A 165 0.79 -7.49 -31.48
CA HIS A 165 -0.48 -8.13 -31.13
C HIS A 165 -0.81 -9.24 -32.11
N ASN A 166 0.07 -9.45 -33.09
CA ASN A 166 -0.14 -10.49 -34.09
C ASN A 166 -1.43 -10.28 -34.88
N VAL A 167 -1.82 -9.02 -35.04
CA VAL A 167 -3.03 -8.68 -35.77
C VAL A 167 -2.70 -8.27 -37.20
N ASP A 168 -3.68 -8.41 -38.10
CA ASP A 168 -3.50 -8.06 -39.50
C ASP A 168 -3.69 -6.55 -39.71
N ASP A 169 -4.53 -5.94 -38.89
CA ASP A 169 -4.80 -4.52 -38.98
C ASP A 169 -5.16 -3.93 -37.62
N CYS A 170 -4.44 -2.92 -37.25
CA CYS A 170 -4.65 -2.31 -35.98
C CYS A 170 -6.07 -1.84 -35.77
N GLY A 171 -6.72 -1.29 -36.78
CA GLY A 171 -8.09 -0.87 -36.66
C GLY A 171 -8.36 0.58 -36.62
N PHE A 172 -7.41 1.34 -36.15
CA PHE A 172 -7.59 2.73 -35.99
C PHE A 172 -6.52 3.46 -36.69
N SER A 173 -6.64 4.76 -36.62
CA SER A 173 -5.72 5.69 -37.16
C SER A 173 -5.10 6.14 -35.92
N LEU A 174 -3.80 6.10 -35.81
CA LEU A 174 -3.12 6.48 -34.63
C LEU A 174 -2.80 7.97 -34.55
N ASN A 175 -3.00 8.55 -33.39
CA ASN A 175 -2.79 9.95 -33.15
C ASN A 175 -2.14 10.20 -31.83
N HIS A 176 -2.39 9.34 -30.87
CA HIS A 176 -1.92 9.56 -29.54
C HIS A 176 -1.32 8.36 -28.92
N PRO A 177 -0.17 8.47 -28.34
CA PRO A 177 0.44 7.34 -27.67
C PRO A 177 -0.52 6.68 -26.70
N ASN A 178 -1.31 7.52 -26.05
CA ASN A 178 -2.28 7.05 -25.07
C ASN A 178 -3.43 6.31 -25.73
N GLN A 179 -3.66 6.54 -26.99
CA GLN A 179 -4.70 5.86 -27.67
C GLN A 179 -4.16 4.51 -28.03
N PHE A 180 -2.89 4.44 -28.30
CA PHE A 180 -2.21 3.21 -28.62
C PHE A 180 -2.34 2.38 -27.40
N PHE A 181 -2.20 2.96 -26.25
CA PHE A 181 -2.33 2.25 -25.03
C PHE A 181 -3.67 1.55 -24.81
N CYS A 182 -4.73 2.31 -24.87
CA CYS A 182 -6.04 1.81 -24.67
C CYS A 182 -6.43 0.74 -25.68
N GLU A 183 -6.00 0.88 -26.91
CA GLU A 183 -6.32 0.01 -28.00
C GLU A 183 -5.68 -1.30 -27.84
N SER A 184 -4.50 -1.25 -27.29
CA SER A 184 -3.70 -2.39 -27.02
C SER A 184 -4.27 -3.12 -25.87
N GLN A 185 -4.68 -2.40 -24.85
CA GLN A 185 -5.17 -3.05 -23.69
C GLN A 185 -6.41 -3.80 -24.09
N ARG A 186 -7.17 -3.24 -24.98
CA ARG A 186 -8.37 -3.81 -25.47
C ARG A 186 -8.21 -5.12 -26.22
N ILE A 187 -7.04 -5.35 -26.79
CA ILE A 187 -6.81 -6.56 -27.48
C ILE A 187 -6.47 -7.59 -26.48
N LEU A 188 -5.59 -7.28 -25.57
CA LEU A 188 -5.17 -8.20 -24.56
C LEU A 188 -6.35 -8.59 -23.74
N ASN A 189 -7.31 -7.68 -23.68
CA ASN A 189 -8.55 -7.89 -22.94
C ASN A 189 -9.40 -8.87 -23.73
N GLY A 190 -9.61 -8.58 -25.01
CA GLY A 190 -10.40 -9.49 -25.83
C GLY A 190 -11.29 -8.83 -26.87
N SER B 5 -9.69 1.34 1.02
CA SER B 5 -11.11 1.35 1.29
C SER B 5 -11.92 1.48 0.02
N LEU B 6 -12.86 0.56 -0.14
CA LEU B 6 -13.70 0.50 -1.31
C LEU B 6 -14.20 1.86 -1.69
N ASP B 7 -14.68 2.63 -0.74
CA ASP B 7 -15.15 3.95 -1.06
C ASP B 7 -14.13 4.88 -1.75
N GLN B 8 -12.84 4.60 -1.72
CA GLN B 8 -11.88 5.55 -2.36
C GLN B 8 -12.26 5.84 -3.81
N ILE B 9 -12.89 4.84 -4.46
CA ILE B 9 -13.33 4.95 -5.85
C ILE B 9 -14.78 5.39 -6.10
N ASP B 10 -15.42 6.03 -5.13
CA ASP B 10 -16.74 6.55 -5.39
C ASP B 10 -16.76 7.41 -6.66
N LEU B 11 -16.00 8.51 -6.64
CA LEU B 11 -15.98 9.53 -7.65
C LEU B 11 -15.39 9.05 -8.97
N LEU B 12 -14.55 8.04 -8.90
CA LEU B 12 -13.92 7.44 -10.03
C LEU B 12 -14.97 6.63 -10.76
N SER B 13 -15.82 6.00 -10.03
CA SER B 13 -16.81 5.24 -10.69
C SER B 13 -17.86 6.15 -11.21
N THR B 14 -18.02 7.32 -10.63
CA THR B 14 -19.04 8.20 -11.14
C THR B 14 -18.52 8.68 -12.43
N LYS B 15 -17.44 9.40 -12.37
CA LYS B 15 -16.86 9.96 -13.54
C LYS B 15 -16.43 9.05 -14.69
N SER B 16 -15.76 7.94 -14.41
CA SER B 16 -15.22 7.10 -15.45
C SER B 16 -15.54 5.64 -15.64
N PHE B 17 -16.46 5.11 -14.87
CA PHE B 17 -16.87 3.76 -15.02
C PHE B 17 -18.00 3.67 -16.03
N PRO B 18 -18.22 2.50 -16.60
CA PRO B 18 -19.33 2.31 -17.53
C PRO B 18 -20.61 2.16 -16.69
N PRO B 19 -21.79 1.99 -17.29
CA PRO B 19 -22.99 1.83 -16.47
C PRO B 19 -23.02 0.51 -15.72
N CYS B 20 -22.59 -0.51 -16.48
CA CYS B 20 -22.41 -1.87 -16.00
C CYS B 20 -21.42 -2.04 -14.79
N MET B 21 -20.56 -1.10 -14.58
CA MET B 21 -19.67 -1.22 -13.49
C MET B 21 -20.15 -0.35 -12.38
N ARG B 22 -20.44 0.88 -12.69
CA ARG B 22 -20.86 1.89 -11.75
C ARG B 22 -22.01 1.42 -10.94
N GLN B 23 -22.72 0.46 -11.49
CA GLN B 23 -23.85 -0.07 -10.81
C GLN B 23 -23.38 -1.06 -9.83
N LEU B 24 -22.40 -1.84 -10.21
CA LEU B 24 -21.89 -2.85 -9.32
C LEU B 24 -21.17 -2.19 -8.17
N HIS B 25 -20.57 -1.05 -8.43
CA HIS B 25 -19.92 -0.33 -7.41
C HIS B 25 -20.93 0.16 -6.43
N LYS B 26 -21.98 0.81 -6.91
CA LYS B 26 -23.02 1.40 -6.08
C LYS B 26 -23.62 0.33 -5.27
N ALA B 27 -23.93 -0.77 -5.92
CA ALA B 27 -24.44 -1.89 -5.23
C ALA B 27 -23.51 -2.34 -4.09
N LEU B 28 -22.26 -2.60 -4.36
CA LEU B 28 -21.36 -3.10 -3.37
C LEU B 28 -21.30 -2.26 -2.14
N ARG B 29 -21.32 -0.96 -2.31
CA ARG B 29 -21.28 -0.09 -1.22
C ARG B 29 -22.54 -0.29 -0.43
N GLU B 30 -23.66 -0.14 -1.08
CA GLU B 30 -24.92 -0.22 -0.40
C GLU B 30 -25.42 -1.53 0.16
N ASN B 31 -24.88 -2.66 -0.25
CA ASN B 31 -25.31 -3.94 0.27
C ASN B 31 -24.20 -4.70 0.83
N HIS B 32 -23.04 -4.13 0.84
CA HIS B 32 -21.88 -4.77 1.39
C HIS B 32 -21.77 -6.20 0.94
N HIS B 33 -22.17 -6.49 -0.28
CA HIS B 33 -22.01 -7.83 -0.85
C HIS B 33 -22.29 -7.87 -2.33
N LEU B 34 -21.97 -8.98 -2.96
CA LEU B 34 -22.30 -9.21 -4.33
C LEU B 34 -22.37 -10.71 -4.57
N ARG B 35 -23.26 -11.12 -5.43
CA ARG B 35 -23.44 -12.52 -5.76
C ARG B 35 -22.29 -12.88 -6.61
N HIS B 36 -22.25 -14.09 -7.10
CA HIS B 36 -21.17 -14.57 -7.91
C HIS B 36 -21.04 -13.79 -9.16
N GLY B 37 -22.05 -13.84 -9.98
CA GLY B 37 -22.03 -13.15 -11.24
C GLY B 37 -21.50 -11.75 -11.24
N GLY B 38 -21.79 -11.01 -10.21
CA GLY B 38 -21.38 -9.64 -10.13
C GLY B 38 -20.09 -9.45 -9.45
N ARG B 39 -19.49 -10.52 -8.99
CA ARG B 39 -18.22 -10.39 -8.34
C ARG B 39 -17.17 -10.50 -9.41
N MET B 40 -17.43 -11.34 -10.38
CA MET B 40 -16.52 -11.52 -11.45
C MET B 40 -16.52 -10.40 -12.47
N GLN B 41 -17.62 -9.67 -12.61
CA GLN B 41 -17.69 -8.65 -13.60
C GLN B 41 -17.00 -7.45 -13.10
N TYR B 42 -17.28 -7.06 -11.86
CA TYR B 42 -16.68 -5.86 -11.27
C TYR B 42 -15.27 -6.10 -10.74
N GLY B 43 -15.02 -7.34 -10.34
CA GLY B 43 -13.73 -7.73 -9.81
C GLY B 43 -12.69 -7.72 -10.89
N LEU B 44 -13.04 -8.31 -12.04
CA LEU B 44 -12.13 -8.34 -13.14
C LEU B 44 -12.04 -7.06 -13.91
N PHE B 45 -12.96 -6.16 -13.68
CA PHE B 45 -12.92 -4.89 -14.32
C PHE B 45 -11.92 -4.11 -13.51
N LEU B 46 -11.98 -4.25 -12.22
CA LEU B 46 -11.06 -3.58 -11.36
C LEU B 46 -9.67 -4.07 -11.67
N LYS B 47 -9.49 -5.36 -11.83
CA LYS B 47 -8.21 -5.91 -12.16
C LYS B 47 -7.69 -5.19 -13.37
N GLY B 48 -8.52 -5.09 -14.37
CA GLY B 48 -8.18 -4.39 -15.57
C GLY B 48 -7.70 -2.98 -15.41
N ILE B 49 -7.95 -2.34 -14.30
CA ILE B 49 -7.50 -0.98 -14.13
C ILE B 49 -6.34 -0.87 -13.17
N GLY B 50 -5.74 -2.01 -12.89
CA GLY B 50 -4.64 -2.13 -11.99
C GLY B 50 -4.97 -2.04 -10.53
N LEU B 51 -6.00 -2.73 -10.10
CA LEU B 51 -6.45 -2.68 -8.74
C LEU B 51 -7.12 -3.95 -8.33
N THR B 52 -6.93 -4.35 -7.09
CA THR B 52 -7.54 -5.58 -6.56
C THR B 52 -8.71 -5.41 -5.55
N LEU B 53 -9.74 -6.21 -5.71
CA LEU B 53 -10.90 -6.19 -4.87
C LEU B 53 -10.92 -7.38 -3.96
N GLU B 54 -10.82 -7.18 -2.67
CA GLU B 54 -10.82 -8.31 -1.73
C GLU B 54 -11.61 -8.07 -0.45
N GLN B 55 -12.19 -9.16 0.08
CA GLN B 55 -13.00 -9.09 1.31
C GLN B 55 -12.11 -8.99 2.50
N SER B 79 -16.87 -5.25 4.01
CA SER B 79 -15.54 -5.49 4.52
C SER B 79 -14.64 -5.79 3.31
N PHE B 80 -14.76 -4.98 2.27
CA PHE B 80 -13.97 -5.15 1.06
C PHE B 80 -13.03 -4.02 0.94
N ASN B 81 -11.87 -4.22 0.37
CA ASN B 81 -10.93 -3.13 0.22
C ASN B 81 -10.22 -3.13 -1.12
N ILE B 82 -9.57 -2.05 -1.50
CA ILE B 82 -8.89 -2.00 -2.79
C ILE B 82 -7.46 -1.64 -2.57
N ARG B 83 -6.61 -2.25 -3.38
CA ARG B 83 -5.19 -2.06 -3.32
C ARG B 83 -4.59 -2.31 -4.66
N HIS B 84 -3.48 -1.65 -4.95
CA HIS B 84 -2.80 -1.85 -6.24
C HIS B 84 -2.43 -3.32 -6.36
N SER B 85 -2.20 -3.82 -7.56
CA SER B 85 -2.03 -5.29 -7.73
C SER B 85 -0.75 -5.85 -7.09
N TYR B 95 -7.94 -14.46 -15.61
CA TYR B 95 -7.98 -13.09 -15.15
C TYR B 95 -8.20 -12.13 -16.30
N THR B 96 -8.90 -12.62 -17.30
CA THR B 96 -9.22 -11.87 -18.47
C THR B 96 -10.47 -11.08 -18.27
N PRO B 97 -10.37 -9.76 -18.37
CA PRO B 97 -11.52 -8.87 -18.17
C PRO B 97 -12.72 -9.15 -19.09
N PHE B 98 -13.92 -8.80 -18.61
CA PHE B 98 -15.16 -8.96 -19.34
C PHE B 98 -15.48 -7.98 -20.44
N SER B 99 -15.84 -8.54 -21.58
CA SER B 99 -16.13 -7.78 -22.81
C SER B 99 -17.60 -7.44 -22.87
N CYS B 100 -17.95 -6.28 -23.41
CA CYS B 100 -19.30 -5.90 -23.66
C CYS B 100 -20.21 -6.85 -24.33
N LEU B 101 -19.66 -7.79 -25.12
CA LEU B 101 -20.40 -8.93 -25.68
C LEU B 101 -20.36 -10.20 -24.88
N LYS B 102 -19.62 -10.19 -23.81
CA LYS B 102 -19.62 -11.32 -22.93
C LYS B 102 -20.67 -10.93 -21.91
N ILE B 103 -20.70 -9.66 -21.53
CA ILE B 103 -21.64 -9.16 -20.61
C ILE B 103 -23.03 -9.14 -21.22
N ILE B 104 -23.13 -8.63 -22.43
CA ILE B 104 -24.42 -8.51 -23.09
C ILE B 104 -25.12 -9.82 -23.44
N LEU B 105 -24.37 -10.85 -23.72
CA LEU B 105 -24.96 -12.07 -24.12
C LEU B 105 -25.10 -13.10 -23.06
N SER B 106 -24.04 -13.42 -22.36
CA SER B 106 -24.09 -14.49 -21.37
C SER B 106 -24.68 -14.12 -20.03
N ASN B 107 -25.47 -15.02 -19.47
CA ASN B 107 -25.92 -14.96 -18.07
C ASN B 107 -26.76 -13.79 -17.51
N PRO B 108 -27.82 -13.40 -18.22
CA PRO B 108 -28.70 -12.35 -17.73
C PRO B 108 -29.10 -12.37 -16.25
N PRO B 109 -29.17 -11.20 -15.64
CA PRO B 109 -29.34 -11.07 -14.18
C PRO B 109 -30.75 -11.19 -13.59
N SER B 110 -30.84 -12.07 -12.60
CA SER B 110 -32.01 -12.36 -11.81
C SER B 110 -32.08 -11.23 -10.89
N GLN B 111 -33.04 -11.21 -9.99
CA GLN B 111 -33.22 -10.17 -9.06
C GLN B 111 -32.24 -10.51 -7.99
N GLY B 112 -31.67 -9.50 -7.38
CA GLY B 112 -30.63 -9.71 -6.39
C GLY B 112 -29.29 -9.50 -7.08
N ASP B 113 -29.26 -9.96 -8.32
CA ASP B 113 -28.16 -9.87 -9.26
C ASP B 113 -28.11 -8.49 -9.82
N TYR B 114 -27.02 -7.82 -9.63
CA TYR B 114 -26.81 -6.46 -10.07
C TYR B 114 -25.80 -6.36 -11.23
N HIS B 115 -25.57 -7.48 -11.94
CA HIS B 115 -24.52 -7.55 -12.97
C HIS B 115 -25.21 -7.58 -14.36
N GLY B 116 -24.45 -7.55 -15.45
CA GLY B 116 -25.01 -7.47 -16.80
C GLY B 116 -24.79 -6.06 -17.35
N CYS B 117 -25.41 -5.67 -18.47
CA CYS B 117 -25.19 -4.32 -18.98
C CYS B 117 -26.54 -3.64 -18.89
N PRO B 118 -26.60 -2.39 -18.42
CA PRO B 118 -27.87 -1.82 -18.33
C PRO B 118 -28.45 -1.37 -19.67
N PHE B 119 -27.71 -1.31 -20.73
CA PHE B 119 -28.34 -0.84 -21.92
C PHE B 119 -29.20 -1.91 -22.45
N ARG B 120 -28.78 -3.14 -22.23
CA ARG B 120 -29.51 -4.28 -22.66
C ARG B 120 -30.44 -4.88 -21.64
N HIS B 121 -29.94 -5.17 -20.47
CA HIS B 121 -30.72 -5.69 -19.40
C HIS B 121 -31.60 -4.82 -18.56
N SER B 122 -31.51 -3.51 -18.65
CA SER B 122 -32.36 -2.68 -17.86
C SER B 122 -33.62 -2.43 -18.61
N ASP B 123 -34.71 -2.33 -17.89
CA ASP B 123 -35.97 -2.04 -18.48
C ASP B 123 -35.82 -0.60 -18.80
N PRO B 124 -36.39 -0.16 -19.90
CA PRO B 124 -36.28 1.22 -20.34
C PRO B 124 -36.73 2.34 -19.44
N GLU B 125 -37.88 2.22 -18.79
CA GLU B 125 -38.38 3.28 -17.93
C GLU B 125 -37.51 3.58 -16.73
N LEU B 126 -36.80 2.56 -16.27
CA LEU B 126 -35.87 2.67 -15.19
C LEU B 126 -34.57 3.14 -15.75
N LEU B 127 -34.32 2.80 -17.00
CA LEU B 127 -33.12 3.22 -17.66
C LEU B 127 -33.16 4.72 -17.77
N LYS B 128 -34.30 5.29 -18.13
CA LYS B 128 -34.41 6.71 -18.24
C LYS B 128 -34.17 7.35 -16.90
N GLN B 129 -34.59 6.71 -15.85
CA GLN B 129 -34.34 7.22 -14.52
C GLN B 129 -32.89 7.12 -14.08
N LYS B 130 -32.18 6.10 -14.49
CA LYS B 130 -30.83 6.06 -14.09
C LYS B 130 -30.15 7.15 -14.87
N LEU B 131 -30.40 7.25 -16.16
CA LEU B 131 -29.77 8.29 -16.93
C LEU B 131 -30.11 9.61 -16.37
N GLN B 132 -31.25 9.68 -15.71
CA GLN B 132 -31.67 10.92 -15.12
C GLN B 132 -30.89 11.25 -13.85
N SER B 133 -30.49 10.24 -13.08
CA SER B 133 -29.73 10.43 -11.83
C SER B 133 -28.30 10.87 -12.06
N TYR B 134 -27.83 10.55 -13.27
CA TYR B 134 -26.51 10.92 -13.79
C TYR B 134 -26.42 12.35 -14.38
N LYS B 135 -27.49 13.13 -14.30
CA LYS B 135 -27.62 14.48 -14.88
C LYS B 135 -27.34 14.50 -16.39
N ILE B 136 -28.03 13.65 -17.14
CA ILE B 136 -27.90 13.59 -18.59
C ILE B 136 -29.14 14.28 -19.06
N SER B 137 -28.98 15.29 -19.90
CA SER B 137 -30.10 15.99 -20.55
C SER B 137 -31.05 15.11 -21.33
N PRO B 138 -32.34 15.52 -21.42
CA PRO B 138 -33.33 14.70 -22.14
C PRO B 138 -33.02 14.39 -23.60
N GLY B 139 -32.26 15.28 -24.21
CA GLY B 139 -31.86 15.23 -25.57
C GLY B 139 -31.09 14.00 -25.78
N GLY B 140 -30.04 13.85 -25.01
CA GLY B 140 -29.22 12.70 -25.06
C GLY B 140 -30.03 11.53 -24.64
N ILE B 141 -30.68 11.62 -23.52
CA ILE B 141 -31.48 10.51 -23.03
C ILE B 141 -32.39 9.95 -24.09
N SER B 142 -32.91 10.82 -24.93
CA SER B 142 -33.77 10.41 -25.98
C SER B 142 -33.00 9.63 -27.01
N GLN B 143 -31.93 10.21 -27.48
CA GLN B 143 -31.05 9.64 -28.46
C GLN B 143 -30.63 8.25 -28.06
N ILE B 144 -30.22 8.14 -26.82
CA ILE B 144 -29.78 6.88 -26.32
C ILE B 144 -30.96 5.95 -26.41
N LEU B 145 -32.06 6.37 -25.82
CA LEU B 145 -33.21 5.54 -25.78
C LEU B 145 -33.58 5.01 -27.11
N ASP B 146 -33.26 5.72 -28.17
CA ASP B 146 -33.52 5.24 -29.50
C ASP B 146 -32.56 4.11 -29.82
N LEU B 147 -31.30 4.25 -29.45
CA LEU B 147 -30.25 3.26 -29.70
C LEU B 147 -30.46 1.93 -29.03
N VAL B 148 -31.00 1.98 -27.84
CA VAL B 148 -31.34 0.76 -27.07
C VAL B 148 -32.39 -0.04 -27.82
N LYS B 149 -33.50 0.65 -28.16
CA LYS B 149 -34.53 0.05 -28.99
C LYS B 149 -33.97 -0.47 -30.32
N GLY B 150 -33.02 0.25 -30.94
CA GLY B 150 -32.28 -0.34 -32.10
C GLY B 150 -31.38 -1.54 -31.78
N THR B 151 -31.27 -1.86 -30.49
CA THR B 151 -30.43 -2.97 -30.04
C THR B 151 -29.04 -2.45 -30.46
N HIS B 152 -28.72 -1.20 -30.16
CA HIS B 152 -27.38 -0.66 -30.36
C HIS B 152 -26.95 -0.16 -29.00
N TYR B 153 -26.45 -1.05 -28.22
CA TYR B 153 -26.17 -0.92 -26.80
C TYR B 153 -24.81 -0.23 -26.74
N GLN B 154 -23.82 -0.82 -27.38
CA GLN B 154 -22.49 -0.27 -27.40
C GLN B 154 -22.40 1.14 -28.00
N VAL B 155 -23.33 1.49 -28.87
CA VAL B 155 -23.36 2.79 -29.46
C VAL B 155 -24.12 3.70 -28.51
N ALA B 156 -25.04 3.11 -27.78
CA ALA B 156 -25.73 3.83 -26.78
C ALA B 156 -24.71 4.18 -25.74
N CYS B 157 -23.91 3.22 -25.25
CA CYS B 157 -22.87 3.50 -24.26
C CYS B 157 -22.05 4.65 -24.86
N GLN B 158 -21.57 4.44 -26.08
CA GLN B 158 -20.81 5.44 -26.80
C GLN B 158 -21.44 6.82 -26.69
N LYS B 159 -22.73 6.89 -26.93
CA LYS B 159 -23.44 8.13 -26.84
C LYS B 159 -23.31 8.62 -25.44
N TYR B 160 -23.63 7.78 -24.49
CA TYR B 160 -23.52 8.19 -23.13
C TYR B 160 -22.16 8.80 -22.84
N PHE B 161 -21.10 8.09 -23.19
CA PHE B 161 -19.73 8.52 -22.98
C PHE B 161 -19.49 9.93 -23.47
N GLU B 162 -20.08 10.23 -24.62
CA GLU B 162 -19.97 11.53 -25.21
C GLU B 162 -20.62 12.54 -24.36
N MET B 163 -21.71 12.14 -23.76
CA MET B 163 -22.44 13.00 -22.92
C MET B 163 -21.78 13.27 -21.57
N ILE B 164 -21.29 12.26 -20.87
CA ILE B 164 -20.66 12.56 -19.59
C ILE B 164 -19.35 13.21 -19.78
N HIS B 165 -18.76 13.02 -20.93
CA HIS B 165 -17.48 13.60 -21.20
C HIS B 165 -17.50 14.80 -22.07
N ASN B 166 -18.68 15.13 -22.59
CA ASN B 166 -18.90 16.36 -23.31
C ASN B 166 -18.21 16.46 -24.66
N VAL B 167 -18.20 15.34 -25.35
CA VAL B 167 -17.49 15.29 -26.61
C VAL B 167 -18.47 14.90 -27.66
N ASP B 168 -18.30 15.49 -28.82
CA ASP B 168 -19.26 15.32 -29.92
C ASP B 168 -19.05 13.96 -30.54
N ASP B 169 -17.80 13.66 -30.90
CA ASP B 169 -17.40 12.36 -31.42
C ASP B 169 -16.36 11.78 -30.45
N CYS B 170 -16.65 10.60 -29.94
CA CYS B 170 -15.79 9.95 -28.97
C CYS B 170 -14.49 9.45 -29.50
N GLY B 171 -14.48 9.00 -30.72
CA GLY B 171 -13.26 8.55 -31.33
C GLY B 171 -12.82 7.13 -31.29
N PHE B 172 -13.65 6.24 -30.79
CA PHE B 172 -13.25 4.85 -30.67
C PHE B 172 -14.44 3.94 -30.78
N SER B 173 -14.21 2.78 -31.35
CA SER B 173 -15.23 1.83 -31.52
C SER B 173 -15.18 1.02 -30.26
N LEU B 174 -16.20 1.15 -29.42
CA LEU B 174 -16.28 0.45 -28.16
C LEU B 174 -16.77 -1.00 -28.08
N ASN B 175 -15.94 -1.84 -27.47
CA ASN B 175 -16.30 -3.19 -27.23
C ASN B 175 -15.92 -3.79 -25.88
N HIS B 176 -15.32 -3.01 -25.00
CA HIS B 176 -14.92 -3.49 -23.69
C HIS B 176 -14.95 -2.40 -22.63
N PRO B 177 -15.49 -2.71 -21.46
CA PRO B 177 -15.61 -1.74 -20.40
C PRO B 177 -14.31 -1.21 -19.88
N ASN B 178 -13.19 -1.89 -20.14
CA ASN B 178 -11.90 -1.40 -19.69
C ASN B 178 -11.42 -0.33 -20.66
N GLN B 179 -11.99 -0.36 -21.85
CA GLN B 179 -11.71 0.56 -22.91
C GLN B 179 -12.52 1.81 -22.70
N PHE B 180 -13.60 1.68 -21.98
CA PHE B 180 -14.42 2.77 -21.65
C PHE B 180 -13.64 3.54 -20.63
N PHE B 181 -13.08 2.80 -19.69
CA PHE B 181 -12.27 3.36 -18.63
C PHE B 181 -11.11 4.22 -19.07
N CYS B 182 -10.24 3.68 -19.92
CA CYS B 182 -9.05 4.40 -20.37
C CYS B 182 -9.37 5.46 -21.40
N GLU B 183 -10.51 5.35 -22.04
CA GLU B 183 -10.88 6.30 -23.01
C GLU B 183 -11.49 7.45 -22.28
N SER B 184 -11.83 7.27 -21.03
CA SER B 184 -12.36 8.23 -20.20
C SER B 184 -11.21 8.82 -19.48
N GLN B 185 -10.34 8.00 -18.95
CA GLN B 185 -9.23 8.53 -18.21
C GLN B 185 -8.45 9.49 -19.02
N ARG B 186 -8.42 9.30 -20.33
CA ARG B 186 -7.72 10.19 -21.24
C ARG B 186 -8.25 11.60 -21.27
N ILE B 187 -9.54 11.73 -21.37
CA ILE B 187 -10.21 13.02 -21.35
C ILE B 187 -10.07 13.73 -20.04
N LEU B 188 -10.15 13.01 -18.95
CA LEU B 188 -10.13 13.63 -17.67
C LEU B 188 -8.83 14.18 -17.25
N ASN B 189 -7.82 13.40 -17.40
CA ASN B 189 -6.49 13.83 -17.01
C ASN B 189 -5.85 14.46 -18.20
N GLY B 190 -6.67 15.01 -19.09
CA GLY B 190 -6.19 15.65 -20.29
C GLY B 190 -6.18 17.16 -20.25
N SER C 5 2.29 -8.63 3.37
CA SER C 5 2.44 -10.06 3.39
C SER C 5 2.88 -10.56 4.73
N LEU C 6 2.55 -11.80 5.01
CA LEU C 6 2.86 -12.41 6.26
C LEU C 6 4.27 -12.77 6.36
N ASP C 7 4.96 -12.85 5.25
CA ASP C 7 6.35 -13.16 5.30
C ASP C 7 7.13 -11.90 5.43
N GLN C 8 6.48 -10.83 5.78
CA GLN C 8 7.15 -9.59 5.99
C GLN C 8 7.70 -9.59 7.40
N ILE C 9 7.10 -10.35 8.30
CA ILE C 9 7.59 -10.39 9.66
C ILE C 9 8.37 -11.59 10.08
N ASP C 10 8.78 -12.38 9.16
CA ASP C 10 9.64 -13.52 9.49
C ASP C 10 10.81 -13.17 10.28
N LEU C 11 11.61 -12.27 9.70
CA LEU C 11 12.84 -11.83 10.34
C LEU C 11 12.57 -11.31 11.76
N LEU C 12 11.59 -10.43 11.90
CA LEU C 12 11.13 -9.91 13.19
C LEU C 12 10.66 -10.98 14.18
N SER C 13 10.15 -12.07 13.63
CA SER C 13 9.71 -13.20 14.36
C SER C 13 10.85 -14.14 14.79
N THR C 14 11.97 -14.10 14.13
CA THR C 14 12.99 -14.96 14.62
C THR C 14 13.74 -14.19 15.69
N LYS C 15 13.72 -12.90 15.63
CA LYS C 15 14.43 -12.08 16.58
C LYS C 15 13.72 -11.48 17.79
N SER C 16 12.41 -11.29 17.74
CA SER C 16 11.71 -10.65 18.83
C SER C 16 10.42 -11.25 19.32
N PHE C 17 10.03 -12.41 18.83
CA PHE C 17 8.81 -13.02 19.26
C PHE C 17 9.27 -13.88 20.40
N PRO C 18 8.35 -14.35 21.22
CA PRO C 18 8.71 -15.34 22.23
C PRO C 18 8.76 -16.67 21.46
N PRO C 19 8.93 -17.78 22.15
CA PRO C 19 8.95 -19.05 21.38
C PRO C 19 7.55 -19.39 20.93
N CYS C 20 6.66 -19.07 21.84
CA CYS C 20 5.23 -19.19 21.82
C CYS C 20 4.60 -18.44 20.69
N MET C 21 5.08 -17.26 20.33
CA MET C 21 4.52 -16.55 19.23
C MET C 21 5.25 -16.99 17.99
N ARG C 22 6.49 -17.39 18.14
CA ARG C 22 7.30 -17.84 17.05
C ARG C 22 6.78 -19.08 16.31
N GLN C 23 6.19 -20.03 17.02
CA GLN C 23 5.71 -21.19 16.34
C GLN C 23 4.36 -20.95 15.72
N LEU C 24 3.53 -20.16 16.36
CA LEU C 24 2.22 -19.83 15.86
C LEU C 24 2.34 -19.06 14.59
N HIS C 25 3.41 -18.34 14.42
CA HIS C 25 3.74 -17.68 13.21
C HIS C 25 4.25 -18.69 12.22
N LYS C 26 5.31 -19.40 12.58
CA LYS C 26 5.88 -20.44 11.75
C LYS C 26 4.81 -21.39 11.22
N ALA C 27 4.00 -21.95 12.11
CA ALA C 27 2.98 -22.85 11.71
C ALA C 27 1.98 -22.34 10.70
N LEU C 28 1.34 -21.22 11.03
CA LEU C 28 0.46 -20.53 10.12
C LEU C 28 1.03 -20.22 8.78
N ARG C 29 2.30 -19.96 8.76
CA ARG C 29 3.00 -19.79 7.54
C ARG C 29 3.04 -21.03 6.72
N GLU C 30 3.33 -22.14 7.35
CA GLU C 30 3.47 -23.38 6.65
C GLU C 30 2.22 -24.16 6.49
N ASN C 31 1.35 -24.08 7.47
CA ASN C 31 0.13 -24.79 7.41
C ASN C 31 -0.99 -23.96 6.87
N HIS C 32 -0.74 -22.71 6.60
CA HIS C 32 -1.72 -21.82 6.02
C HIS C 32 -3.02 -21.76 6.77
N HIS C 33 -2.97 -22.09 8.03
CA HIS C 33 -4.14 -22.03 8.85
C HIS C 33 -3.69 -22.27 10.25
N LEU C 34 -4.55 -21.97 11.17
CA LEU C 34 -4.29 -22.18 12.53
C LEU C 34 -5.65 -22.41 13.09
N ARG C 35 -5.72 -23.24 14.09
CA ARG C 35 -6.96 -23.52 14.71
C ARG C 35 -7.35 -22.42 15.60
N HIS C 36 -8.57 -22.45 16.11
CA HIS C 36 -9.15 -21.42 17.01
C HIS C 36 -8.28 -20.93 18.12
N GLY C 37 -7.57 -21.83 18.79
CA GLY C 37 -6.56 -21.45 19.74
C GLY C 37 -5.48 -20.61 19.13
N GLY C 38 -4.81 -21.16 18.16
CA GLY C 38 -3.76 -20.47 17.48
C GLY C 38 -4.11 -19.11 16.97
N ARG C 39 -5.31 -18.92 16.50
CA ARG C 39 -5.70 -17.64 15.94
C ARG C 39 -5.80 -16.59 16.97
N MET C 40 -6.26 -16.99 18.10
CA MET C 40 -6.48 -16.11 19.22
C MET C 40 -5.18 -15.77 19.88
N GLN C 41 -4.39 -16.75 20.23
CA GLN C 41 -3.14 -16.48 20.84
C GLN C 41 -2.28 -15.56 19.97
N TYR C 42 -2.01 -15.90 18.72
CA TYR C 42 -1.19 -15.07 17.85
C TYR C 42 -1.83 -13.78 17.45
N GLY C 43 -3.10 -13.83 17.20
CA GLY C 43 -3.80 -12.67 16.74
C GLY C 43 -3.73 -11.55 17.69
N LEU C 44 -4.08 -11.88 18.91
CA LEU C 44 -4.12 -10.95 19.96
C LEU C 44 -2.78 -10.45 20.33
N PHE C 45 -1.77 -11.22 20.06
CA PHE C 45 -0.45 -10.81 20.33
C PHE C 45 -0.12 -9.84 19.28
N LEU C 46 -0.59 -10.05 18.08
CA LEU C 46 -0.27 -9.15 17.01
C LEU C 46 -0.96 -7.87 17.29
N LYS C 47 -2.16 -7.98 17.80
CA LYS C 47 -2.91 -6.83 18.15
C LYS C 47 -2.09 -5.98 19.08
N GLY C 48 -1.67 -6.61 20.15
CA GLY C 48 -0.89 -5.98 21.17
C GLY C 48 0.26 -5.16 20.72
N ILE C 49 0.70 -5.40 19.52
CA ILE C 49 1.81 -4.71 18.98
C ILE C 49 1.31 -3.52 18.22
N GLY C 50 0.14 -3.64 17.64
CA GLY C 50 -0.44 -2.69 16.77
C GLY C 50 -0.74 -3.11 15.37
N LEU C 51 -0.72 -4.41 15.13
CA LEU C 51 -1.08 -5.04 13.90
C LEU C 51 -2.34 -5.83 14.02
N THR C 52 -3.14 -5.92 12.98
CA THR C 52 -4.33 -6.71 13.02
C THR C 52 -4.06 -7.76 12.01
N LEU C 53 -4.33 -9.01 12.34
CA LEU C 53 -4.08 -10.13 11.46
C LEU C 53 -5.31 -10.53 10.72
N GLU C 54 -5.19 -10.67 9.41
CA GLU C 54 -6.32 -11.05 8.62
C GLU C 54 -5.99 -11.85 7.42
N GLN C 55 -7.05 -12.25 6.73
CA GLN C 55 -6.94 -13.03 5.51
C GLN C 55 -7.91 -12.43 4.50
N ALA C 56 -7.52 -12.36 3.23
CA ALA C 56 -8.39 -11.75 2.29
C ALA C 56 -8.54 -12.50 0.90
N LEU C 57 -9.74 -12.53 0.38
CA LEU C 57 -10.05 -13.39 -0.78
C LEU C 57 -10.10 -13.41 -2.38
N GLN C 58 -10.90 -12.54 -2.97
CA GLN C 58 -10.82 -12.10 -4.36
C GLN C 58 -12.16 -11.51 -4.81
N TYR C 78 -7.24 -20.09 1.72
CA TYR C 78 -7.17 -18.91 2.56
C TYR C 78 -6.05 -18.03 2.05
N SER C 79 -5.71 -17.03 2.85
CA SER C 79 -4.73 -16.02 2.55
C SER C 79 -4.60 -15.37 3.91
N PHE C 80 -3.70 -14.42 4.05
CA PHE C 80 -3.43 -13.85 5.38
C PHE C 80 -2.74 -12.51 5.21
N ASN C 81 -2.73 -11.70 6.24
CA ASN C 81 -2.12 -10.40 6.14
C ASN C 81 -2.08 -9.55 7.51
N ILE C 82 -1.21 -8.56 7.57
CA ILE C 82 -1.08 -7.71 8.74
C ILE C 82 -1.11 -6.29 8.30
N ARG C 83 -1.64 -5.39 9.12
CA ARG C 83 -1.75 -3.98 8.83
C ARG C 83 -1.74 -3.17 10.10
N HIS C 84 -1.35 -1.93 10.06
CA HIS C 84 -1.34 -1.15 11.29
C HIS C 84 -2.73 -0.87 11.71
N SER C 85 -2.94 -0.55 12.97
CA SER C 85 -4.27 -0.34 13.45
C SER C 85 -4.56 1.01 14.02
N PHE C 86 -3.87 2.02 13.54
CA PHE C 86 -4.16 3.35 14.02
C PHE C 86 -5.47 3.70 13.38
N TYR C 95 -11.10 -10.77 23.75
CA TYR C 95 -10.76 -9.44 23.31
C TYR C 95 -9.51 -8.81 23.93
N THR C 96 -8.72 -9.58 24.63
CA THR C 96 -7.51 -9.07 25.21
C THR C 96 -6.34 -9.98 24.83
N PRO C 97 -5.13 -9.44 24.79
CA PRO C 97 -3.97 -10.28 24.51
C PRO C 97 -3.82 -11.26 25.69
N PHE C 98 -3.00 -12.31 25.55
CA PHE C 98 -2.82 -13.26 26.61
C PHE C 98 -1.52 -13.14 27.36
N SER C 99 -1.57 -13.44 28.62
CA SER C 99 -0.40 -13.42 29.43
C SER C 99 0.30 -14.77 29.40
N CYS C 100 1.35 -14.90 30.20
CA CYS C 100 2.05 -16.18 30.34
C CYS C 100 1.13 -17.07 31.18
N LEU C 101 0.66 -16.54 32.31
CA LEU C 101 -0.27 -17.26 33.22
C LEU C 101 -1.59 -17.72 32.63
N LYS C 102 -2.00 -17.19 31.49
CA LYS C 102 -3.17 -17.68 30.79
C LYS C 102 -2.78 -18.66 29.67
N ILE C 103 -1.62 -18.46 29.06
CA ILE C 103 -1.14 -19.44 28.06
C ILE C 103 -0.68 -20.71 28.73
N ILE C 104 0.02 -20.56 29.85
CA ILE C 104 0.61 -21.68 30.57
C ILE C 104 -0.40 -22.58 31.29
N LEU C 105 -1.54 -22.08 31.75
CA LEU C 105 -2.47 -22.87 32.54
C LEU C 105 -3.88 -23.01 32.05
N SER C 106 -4.13 -22.64 30.81
CA SER C 106 -5.47 -22.70 30.26
C SER C 106 -5.33 -22.91 28.78
N ASN C 107 -6.21 -23.74 28.25
CA ASN C 107 -6.16 -24.05 26.82
C ASN C 107 -4.98 -24.81 26.33
N PRO C 108 -4.69 -25.93 26.97
CA PRO C 108 -3.54 -26.72 26.55
C PRO C 108 -3.69 -27.23 25.10
N PRO C 109 -2.61 -27.11 24.29
CA PRO C 109 -2.73 -27.43 22.89
C PRO C 109 -3.25 -28.87 22.70
N SER C 110 -3.87 -29.19 21.59
CA SER C 110 -4.25 -30.54 21.36
C SER C 110 -3.52 -30.83 20.10
N GLN C 111 -3.60 -32.05 19.64
CA GLN C 111 -2.91 -32.40 18.44
C GLN C 111 -3.06 -31.55 17.21
N GLY C 112 -4.13 -30.82 17.14
CA GLY C 112 -4.34 -29.95 16.00
C GLY C 112 -3.74 -28.58 16.23
N ASP C 113 -3.64 -28.20 17.48
CA ASP C 113 -3.18 -26.89 17.83
C ASP C 113 -1.71 -26.71 17.95
N TYR C 114 -1.26 -25.54 17.61
CA TYR C 114 0.12 -25.21 17.74
C TYR C 114 0.28 -24.15 18.79
N HIS C 115 -0.77 -23.91 19.58
CA HIS C 115 -0.72 -22.90 20.63
C HIS C 115 -0.12 -23.36 21.96
N GLY C 116 -0.12 -22.52 22.98
CA GLY C 116 0.52 -22.78 24.25
C GLY C 116 1.91 -22.21 24.48
N CYS C 117 2.59 -22.62 25.56
CA CYS C 117 3.95 -22.21 25.88
C CYS C 117 4.80 -23.38 25.63
N PRO C 118 5.83 -23.17 24.83
CA PRO C 118 6.78 -24.23 24.48
C PRO C 118 7.43 -24.89 25.71
N PHE C 119 7.69 -24.12 26.77
CA PHE C 119 8.32 -24.70 27.91
C PHE C 119 7.35 -25.45 28.79
N ARG C 120 6.08 -25.16 28.73
CA ARG C 120 5.16 -25.89 29.52
C ARG C 120 4.51 -26.99 28.73
N HIS C 121 4.36 -26.82 27.46
CA HIS C 121 3.64 -27.79 26.73
C HIS C 121 4.31 -28.68 25.74
N SER C 122 5.60 -28.53 25.53
CA SER C 122 6.29 -29.39 24.63
C SER C 122 6.92 -30.47 25.46
N ASP C 123 7.30 -31.56 24.85
CA ASP C 123 7.94 -32.62 25.56
C ASP C 123 9.34 -32.12 25.73
N PRO C 124 9.99 -32.55 26.80
CA PRO C 124 11.41 -32.26 27.04
C PRO C 124 12.38 -32.48 25.86
N GLU C 125 12.22 -33.55 25.06
CA GLU C 125 13.14 -33.76 23.99
C GLU C 125 12.85 -33.06 22.71
N LEU C 126 11.62 -32.71 22.47
CA LEU C 126 11.32 -32.12 21.17
C LEU C 126 11.75 -30.69 21.43
N LEU C 127 11.41 -30.17 22.64
CA LEU C 127 11.90 -28.89 23.08
C LEU C 127 13.38 -28.80 22.85
N LYS C 128 14.11 -29.80 23.37
CA LYS C 128 15.55 -29.90 23.25
C LYS C 128 15.86 -29.68 21.80
N GLN C 129 15.20 -30.43 20.95
CA GLN C 129 15.33 -30.34 19.52
C GLN C 129 15.03 -28.98 18.90
N LYS C 130 13.92 -28.38 19.27
CA LYS C 130 13.52 -27.10 18.77
C LYS C 130 14.48 -26.01 19.12
N LEU C 131 15.04 -26.03 20.31
CA LEU C 131 15.97 -25.02 20.71
C LEU C 131 17.23 -25.13 19.90
N GLN C 132 17.56 -26.34 19.47
CA GLN C 132 18.74 -26.61 18.67
C GLN C 132 18.53 -26.04 17.31
N SER C 133 17.28 -26.00 16.91
CA SER C 133 16.90 -25.46 15.62
C SER C 133 16.99 -23.95 15.69
N TYR C 134 16.76 -23.39 16.85
CA TYR C 134 16.87 -21.95 17.02
C TYR C 134 18.34 -21.61 17.18
N LYS C 135 19.20 -22.64 17.10
CA LYS C 135 20.59 -22.46 17.11
C LYS C 135 21.11 -22.06 18.43
N ILE C 136 20.45 -22.47 19.48
CA ILE C 136 20.86 -22.10 20.81
C ILE C 136 22.12 -22.86 21.10
N SER C 137 22.86 -22.44 22.11
CA SER C 137 24.09 -23.09 22.44
C SER C 137 23.79 -24.29 23.28
N PRO C 138 24.69 -25.27 23.36
CA PRO C 138 24.29 -26.44 24.17
C PRO C 138 24.21 -26.12 25.66
N GLY C 139 25.21 -25.40 26.16
CA GLY C 139 25.24 -24.92 27.56
C GLY C 139 23.96 -24.25 28.03
N GLY C 140 23.43 -23.35 27.21
CA GLY C 140 22.18 -22.63 27.50
C GLY C 140 20.96 -23.50 27.22
N ILE C 141 21.08 -24.51 26.37
CA ILE C 141 19.95 -25.38 26.17
C ILE C 141 19.76 -26.12 27.49
N SER C 142 20.84 -26.51 28.12
CA SER C 142 20.79 -27.22 29.37
C SER C 142 20.35 -26.36 30.52
N GLN C 143 20.69 -25.09 30.47
CA GLN C 143 20.29 -24.19 31.47
C GLN C 143 18.80 -24.02 31.43
N ILE C 144 18.26 -24.16 30.26
CA ILE C 144 16.86 -24.04 30.01
C ILE C 144 16.10 -25.31 30.43
N LEU C 145 16.63 -26.46 30.04
CA LEU C 145 15.98 -27.72 30.34
C LEU C 145 15.94 -27.99 31.79
N ASP C 146 16.78 -27.30 32.52
CA ASP C 146 16.91 -27.37 33.97
C ASP C 146 15.75 -26.61 34.56
N LEU C 147 15.49 -25.46 34.00
CA LEU C 147 14.44 -24.62 34.43
C LEU C 147 13.13 -25.22 34.11
N VAL C 148 12.98 -25.84 32.97
CA VAL C 148 11.72 -26.50 32.66
C VAL C 148 11.57 -27.59 33.69
N LYS C 149 12.68 -28.23 34.05
CA LYS C 149 12.67 -29.28 35.06
C LYS C 149 11.89 -28.88 36.31
N GLY C 150 12.11 -27.67 36.81
CA GLY C 150 11.39 -27.22 38.02
C GLY C 150 10.13 -26.44 37.63
N THR C 151 9.63 -26.70 36.43
CA THR C 151 8.42 -26.06 35.96
C THR C 151 8.60 -24.54 35.90
N HIS C 152 9.84 -24.06 35.76
CA HIS C 152 10.08 -22.64 35.70
C HIS C 152 10.12 -22.27 34.26
N TYR C 153 8.94 -22.18 33.67
CA TYR C 153 8.74 -21.89 32.28
C TYR C 153 9.12 -20.48 31.84
N GLN C 154 8.73 -19.47 32.59
CA GLN C 154 9.07 -18.12 32.24
C GLN C 154 10.50 -17.82 32.49
N VAL C 155 11.06 -18.34 33.55
CA VAL C 155 12.46 -18.15 33.83
C VAL C 155 13.20 -18.68 32.67
N ALA C 156 12.75 -19.80 32.16
CA ALA C 156 13.34 -20.39 30.99
C ALA C 156 13.32 -19.45 29.78
N CYS C 157 12.18 -18.92 29.45
CA CYS C 157 11.96 -17.96 28.37
C CYS C 157 12.86 -16.75 28.57
N GLN C 158 13.17 -16.41 29.80
CA GLN C 158 14.06 -15.30 30.07
C GLN C 158 15.46 -15.70 29.71
N LYS C 159 15.83 -16.95 29.96
CA LYS C 159 17.16 -17.40 29.65
C LYS C 159 17.31 -17.47 28.17
N TYR C 160 16.27 -17.86 27.47
CA TYR C 160 16.36 -17.94 26.03
C TYR C 160 16.48 -16.55 25.53
N PHE C 161 15.71 -15.66 26.11
CA PHE C 161 15.77 -14.27 25.75
C PHE C 161 17.21 -13.81 25.88
N GLU C 162 17.86 -14.18 26.95
CA GLU C 162 19.23 -13.80 27.15
C GLU C 162 20.12 -14.36 26.06
N MET C 163 19.99 -15.66 25.78
CA MET C 163 20.78 -16.35 24.80
C MET C 163 20.80 -15.62 23.48
N ILE C 164 19.59 -15.30 23.03
CA ILE C 164 19.28 -14.63 21.80
C ILE C 164 19.87 -13.23 21.70
N HIS C 165 19.61 -12.43 22.70
CA HIS C 165 20.03 -11.07 22.67
C HIS C 165 21.39 -10.83 23.26
N ASN C 166 22.10 -11.88 23.62
CA ASN C 166 23.50 -11.77 24.02
C ASN C 166 23.82 -11.07 25.30
N VAL C 167 22.92 -11.13 26.24
CA VAL C 167 22.99 -10.39 27.45
C VAL C 167 23.06 -11.31 28.63
N ASP C 168 23.79 -10.92 29.65
CA ASP C 168 23.90 -11.74 30.83
C ASP C 168 22.55 -11.91 31.44
N ASP C 169 21.84 -10.84 31.74
CA ASP C 169 20.51 -10.96 32.28
C ASP C 169 19.61 -9.96 31.67
N CYS C 170 18.31 -10.25 31.62
CA CYS C 170 17.31 -9.46 30.98
C CYS C 170 16.78 -8.24 31.67
N GLY C 171 16.94 -8.15 32.96
CA GLY C 171 16.51 -7.00 33.69
C GLY C 171 15.04 -6.82 33.91
N PHE C 172 14.26 -7.87 33.80
CA PHE C 172 12.81 -7.84 34.04
C PHE C 172 12.32 -9.16 34.61
N SER C 173 11.03 -9.25 34.93
CA SER C 173 10.35 -10.41 35.38
C SER C 173 9.19 -10.57 34.34
N LEU C 174 9.49 -11.31 33.31
CA LEU C 174 8.57 -11.60 32.28
C LEU C 174 7.29 -12.28 32.66
N ASN C 175 6.19 -11.63 32.37
CA ASN C 175 4.92 -12.22 32.66
C ASN C 175 3.94 -12.15 31.50
N HIS C 176 4.40 -11.67 30.39
CA HIS C 176 3.58 -11.53 29.24
C HIS C 176 4.30 -11.63 27.94
N PRO C 177 3.67 -12.21 26.93
CA PRO C 177 4.29 -12.30 25.60
C PRO C 177 4.57 -10.94 24.92
N ASN C 178 3.70 -9.95 25.11
CA ASN C 178 3.84 -8.66 24.51
C ASN C 178 4.98 -7.88 25.19
N GLN C 179 5.29 -8.25 26.42
CA GLN C 179 6.34 -7.60 27.16
C GLN C 179 7.65 -8.04 26.59
N PHE C 180 7.77 -9.31 26.36
CA PHE C 180 8.97 -9.92 25.85
C PHE C 180 9.42 -9.20 24.62
N PHE C 181 8.44 -8.84 23.84
CA PHE C 181 8.66 -8.22 22.61
C PHE C 181 9.05 -6.80 22.76
N CYS C 182 8.30 -6.09 23.61
CA CYS C 182 8.57 -4.68 23.86
C CYS C 182 9.94 -4.58 24.49
N GLU C 183 10.30 -5.58 25.29
CA GLU C 183 11.60 -5.59 25.91
C GLU C 183 12.68 -5.97 24.94
N SER C 184 12.37 -6.88 24.02
CA SER C 184 13.27 -7.35 22.97
C SER C 184 13.66 -6.26 21.98
N GLN C 185 12.70 -5.46 21.56
CA GLN C 185 12.93 -4.38 20.66
C GLN C 185 13.74 -3.34 21.30
N ARG C 186 13.54 -3.10 22.59
CA ARG C 186 14.37 -2.07 23.25
C ARG C 186 15.85 -2.35 23.29
N ILE C 187 16.19 -3.62 23.19
CA ILE C 187 17.55 -4.03 23.23
C ILE C 187 18.11 -4.01 21.87
N LEU C 188 17.27 -4.23 20.89
CA LEU C 188 17.72 -4.26 19.54
C LEU C 188 17.83 -2.85 19.03
N ASN C 189 17.17 -1.91 19.68
CA ASN C 189 17.28 -0.53 19.29
C ASN C 189 18.23 0.19 20.21
N SER D 5 -1.24 8.93 4.13
CA SER D 5 -0.85 10.27 4.55
C SER D 5 -0.69 10.45 6.06
N LEU D 6 0.28 11.29 6.38
CA LEU D 6 0.65 11.62 7.72
C LEU D 6 -0.40 11.89 8.73
N ASP D 7 -1.45 12.54 8.27
CA ASP D 7 -2.65 12.80 9.00
C ASP D 7 -3.19 11.52 9.53
N GLN D 8 -2.81 10.44 8.90
CA GLN D 8 -3.29 9.14 9.27
C GLN D 8 -2.79 8.67 10.62
N ILE D 9 -1.73 9.28 11.10
CA ILE D 9 -1.16 8.89 12.36
C ILE D 9 -1.36 9.93 13.39
N ASP D 10 -2.33 10.79 13.20
CA ASP D 10 -2.55 11.86 14.17
C ASP D 10 -3.15 11.49 15.51
N LEU D 11 -4.24 10.75 15.51
CA LEU D 11 -4.86 10.28 16.74
C LEU D 11 -3.86 9.37 17.47
N LEU D 12 -3.16 8.51 16.72
CA LEU D 12 -2.20 7.62 17.29
C LEU D 12 -1.25 8.47 18.05
N SER D 13 -0.73 9.53 17.40
CA SER D 13 0.25 10.46 18.01
C SER D 13 -0.10 10.97 19.37
N THR D 14 -1.29 11.41 19.57
CA THR D 14 -1.66 11.94 20.83
C THR D 14 -1.74 10.79 21.78
N LYS D 15 -2.27 9.71 21.27
CA LYS D 15 -2.50 8.57 22.07
C LYS D 15 -1.26 7.86 22.44
N SER D 16 -0.37 7.63 21.52
CA SER D 16 0.78 6.85 21.87
C SER D 16 2.14 7.41 21.81
N PHE D 17 2.40 8.41 21.02
CA PHE D 17 3.73 8.93 20.92
C PHE D 17 4.23 9.55 22.17
N PRO D 18 5.51 9.39 22.44
CA PRO D 18 6.13 10.03 23.60
C PRO D 18 6.13 11.53 23.28
N PRO D 19 6.27 12.41 24.25
CA PRO D 19 6.23 13.83 23.87
C PRO D 19 7.22 14.38 22.84
N CYS D 20 8.40 13.84 22.79
CA CYS D 20 9.47 14.35 21.95
C CYS D 20 9.08 14.10 20.50
N MET D 21 8.37 12.98 20.32
CA MET D 21 7.84 12.51 19.02
C MET D 21 6.51 13.08 18.74
N ARG D 22 5.76 13.34 19.81
CA ARG D 22 4.46 13.96 19.69
C ARG D 22 4.64 15.38 19.17
N GLN D 23 5.79 15.98 19.46
CA GLN D 23 6.09 17.34 19.02
C GLN D 23 6.62 17.43 17.59
N LEU D 24 7.34 16.39 17.16
CA LEU D 24 7.91 16.37 15.81
C LEU D 24 6.90 16.01 14.76
N HIS D 25 5.73 15.55 15.17
CA HIS D 25 4.65 15.28 14.30
C HIS D 25 3.75 16.52 14.14
N LYS D 26 3.65 17.32 15.21
CA LYS D 26 2.83 18.52 15.21
C LYS D 26 3.52 19.65 14.44
N ALA D 27 4.85 19.65 14.46
CA ALA D 27 5.58 20.57 13.62
C ALA D 27 5.34 20.17 12.19
N LEU D 28 5.71 18.92 11.89
CA LEU D 28 5.66 18.43 10.54
C LEU D 28 4.33 18.66 9.86
N ARG D 29 3.25 18.58 10.63
CA ARG D 29 1.89 18.91 10.18
C ARG D 29 1.49 20.38 9.97
N GLU D 30 2.15 21.33 10.66
CA GLU D 30 1.82 22.75 10.62
C GLU D 30 2.90 23.55 9.86
N ASN D 31 4.18 23.25 10.11
CA ASN D 31 5.28 23.88 9.36
C ASN D 31 5.47 23.26 7.99
N HIS D 32 4.87 22.09 7.84
CA HIS D 32 4.93 21.25 6.67
C HIS D 32 6.33 20.86 6.35
N HIS D 33 7.16 20.69 7.36
CA HIS D 33 8.55 20.38 7.14
C HIS D 33 9.24 20.21 8.46
N LEU D 34 10.52 19.89 8.45
CA LEU D 34 11.26 19.63 9.66
C LEU D 34 12.70 19.73 9.32
N ARG D 35 13.50 20.30 10.19
CA ARG D 35 14.91 20.46 9.93
C ARG D 35 15.53 19.12 10.05
N HIS D 36 16.77 19.01 9.66
CA HIS D 36 17.43 17.73 9.68
C HIS D 36 17.47 16.82 10.86
N GLY D 37 17.78 17.37 11.99
CA GLY D 37 17.88 16.61 13.19
C GLY D 37 16.52 16.20 13.61
N GLY D 38 15.49 16.63 12.93
CA GLY D 38 14.14 16.25 13.27
C GLY D 38 13.62 15.15 12.37
N ARG D 39 14.25 14.97 11.23
CA ARG D 39 13.87 13.95 10.30
C ARG D 39 14.57 12.71 10.74
N MET D 40 15.73 12.85 11.33
CA MET D 40 16.38 11.70 11.89
C MET D 40 15.58 11.19 13.06
N GLN D 41 15.38 12.03 14.05
CA GLN D 41 14.68 11.63 15.20
C GLN D 41 13.37 10.98 14.90
N TYR D 42 12.52 11.70 14.19
CA TYR D 42 11.17 11.22 13.88
C TYR D 42 11.12 10.25 12.72
N GLY D 43 12.18 10.22 11.92
CA GLY D 43 12.20 9.33 10.78
C GLY D 43 12.59 7.93 11.22
N LEU D 44 13.71 7.86 11.92
CA LEU D 44 14.19 6.63 12.41
C LEU D 44 13.21 6.06 13.37
N PHE D 45 12.42 6.90 13.99
CA PHE D 45 11.44 6.47 14.95
C PHE D 45 10.21 5.94 14.30
N LEU D 46 9.93 6.32 13.07
CA LEU D 46 8.73 5.85 12.44
C LEU D 46 9.06 4.49 11.96
N LYS D 47 10.31 4.28 11.62
CA LYS D 47 10.81 3.01 11.14
C LYS D 47 10.60 1.96 12.16
N GLY D 48 10.97 2.24 13.38
CA GLY D 48 10.78 1.31 14.45
C GLY D 48 9.36 0.88 14.63
N ILE D 49 8.42 1.77 14.31
CA ILE D 49 7.01 1.45 14.43
C ILE D 49 6.54 0.82 13.13
N GLY D 50 7.49 0.56 12.23
CA GLY D 50 7.18 -0.04 10.96
C GLY D 50 6.56 0.88 9.94
N LEU D 51 7.10 2.07 9.80
CA LEU D 51 6.61 3.03 8.88
C LEU D 51 7.69 3.80 8.19
N THR D 52 7.46 4.17 6.98
CA THR D 52 8.46 4.92 6.27
C THR D 52 7.83 6.21 6.09
N LEU D 53 8.62 7.25 6.19
CA LEU D 53 8.18 8.59 5.99
C LEU D 53 9.00 8.99 4.85
N GLU D 54 8.38 9.61 3.88
CA GLU D 54 9.05 10.08 2.70
C GLU D 54 8.27 11.24 2.19
N GLN D 55 8.92 12.02 1.36
CA GLN D 55 8.28 13.13 0.73
C GLN D 55 8.40 12.86 -0.77
N ALA D 56 7.33 12.94 -1.51
CA ALA D 56 7.40 12.71 -2.93
C ALA D 56 7.03 13.96 -3.59
N LEU D 57 7.57 14.13 -4.80
CA LEU D 57 7.34 15.29 -5.63
C LEU D 57 6.95 14.69 -6.97
N GLN D 58 6.01 15.32 -7.64
CA GLN D 58 5.59 14.77 -8.90
C GLN D 58 6.65 14.81 -9.93
N PHE D 59 6.42 14.22 -11.06
CA PHE D 59 7.27 14.31 -12.23
C PHE D 59 7.64 15.72 -12.51
N TRP D 60 6.80 16.69 -12.17
CA TRP D 60 7.06 18.08 -12.51
C TRP D 60 7.83 18.87 -11.48
N SER D 79 3.12 16.83 0.80
CA SER D 79 3.44 15.69 0.00
C SER D 79 4.01 14.59 0.85
N PHE D 80 3.89 14.71 2.16
CA PHE D 80 4.44 13.75 3.09
C PHE D 80 3.60 12.57 3.34
N ASN D 81 4.06 11.42 2.92
CA ASN D 81 3.32 10.21 3.08
C ASN D 81 4.11 9.21 3.87
N ILE D 82 3.40 8.37 4.61
CA ILE D 82 4.03 7.34 5.39
C ILE D 82 3.51 6.08 4.86
N ARG D 83 4.24 5.01 5.05
CA ARG D 83 3.84 3.77 4.47
C ARG D 83 4.24 2.65 5.40
N HIS D 84 3.67 1.47 5.20
CA HIS D 84 4.12 0.22 5.81
C HIS D 84 5.52 0.05 5.32
N SER D 85 6.48 0.15 6.22
CA SER D 85 7.87 -0.17 5.91
C SER D 85 8.29 -1.62 5.84
N PHE D 86 8.11 -2.32 6.95
CA PHE D 86 8.47 -3.72 7.05
C PHE D 86 8.14 -4.29 8.42
N THR D 96 18.64 2.44 13.37
CA THR D 96 18.83 2.49 14.81
C THR D 96 18.19 3.74 15.33
N PRO D 97 16.94 3.73 15.73
CA PRO D 97 16.34 4.95 16.22
C PRO D 97 17.04 5.36 17.48
N PHE D 98 17.04 6.66 17.75
CA PHE D 98 17.72 7.23 18.90
C PHE D 98 17.02 6.87 20.20
N SER D 99 17.82 6.61 21.23
CA SER D 99 17.28 6.26 22.50
C SER D 99 17.05 7.52 23.27
N CYS D 100 16.25 7.45 24.32
CA CYS D 100 15.98 8.63 25.15
C CYS D 100 17.25 9.41 25.53
N LEU D 101 18.39 8.72 25.61
CA LEU D 101 19.66 9.37 25.98
C LEU D 101 20.48 10.13 24.90
N LYS D 102 20.44 9.66 23.69
CA LYS D 102 21.13 10.33 22.65
C LYS D 102 20.41 11.62 22.48
N ILE D 103 19.10 11.54 22.53
CA ILE D 103 18.26 12.65 22.38
C ILE D 103 18.41 13.53 23.57
N ILE D 104 18.61 12.98 24.75
CA ILE D 104 18.74 13.80 25.91
C ILE D 104 20.11 14.43 26.13
N LEU D 105 21.17 13.84 25.59
CA LEU D 105 22.49 14.37 25.80
C LEU D 105 23.27 14.85 24.59
N SER D 106 22.63 15.02 23.46
CA SER D 106 23.32 15.50 22.29
C SER D 106 22.38 16.21 21.37
N ASN D 107 22.92 16.98 20.45
CA ASN D 107 22.05 17.76 19.55
C ASN D 107 20.98 18.67 20.12
N PRO D 108 21.36 19.61 20.97
CA PRO D 108 20.35 20.51 21.54
C PRO D 108 19.69 21.22 20.34
N PRO D 109 18.39 21.50 20.39
CA PRO D 109 17.74 22.12 19.28
C PRO D 109 17.98 23.62 19.35
N SER D 110 18.17 24.18 18.19
CA SER D 110 18.35 25.58 18.06
C SER D 110 16.95 26.10 17.97
N GLN D 111 16.81 27.36 17.63
CA GLN D 111 15.51 27.94 17.48
C GLN D 111 15.22 27.52 16.11
N GLY D 112 13.98 27.17 15.82
CA GLY D 112 13.66 26.73 14.49
C GLY D 112 13.79 25.25 14.33
N ASP D 113 14.38 24.58 15.30
CA ASP D 113 14.52 23.15 15.32
C ASP D 113 13.39 22.59 16.16
N TYR D 114 12.93 21.39 15.85
CA TYR D 114 11.85 20.80 16.62
C TYR D 114 12.20 19.54 17.40
N HIS D 115 13.40 19.06 17.27
CA HIS D 115 13.90 17.89 17.98
C HIS D 115 14.35 18.14 19.42
N GLY D 116 14.86 17.05 20.01
CA GLY D 116 15.27 16.93 21.42
C GLY D 116 14.13 16.29 22.19
N CYS D 117 14.31 16.04 23.48
CA CYS D 117 13.22 15.50 24.31
C CYS D 117 12.66 16.75 25.00
N PRO D 118 11.38 16.76 25.36
CA PRO D 118 10.76 17.96 25.98
C PRO D 118 10.93 18.20 27.49
N PHE D 119 11.33 17.19 28.25
CA PHE D 119 11.50 17.28 29.65
C PHE D 119 12.80 17.94 29.92
N ARG D 120 13.76 17.74 29.06
CA ARG D 120 15.06 18.30 29.25
C ARG D 120 15.34 19.55 28.47
N HIS D 121 14.65 19.74 27.36
CA HIS D 121 14.94 20.87 26.51
C HIS D 121 14.01 22.07 26.59
N SER D 122 12.78 21.82 26.92
CA SER D 122 11.74 22.80 27.07
C SER D 122 11.86 23.49 28.34
N ASP D 123 11.51 24.74 28.28
CA ASP D 123 11.54 25.56 29.44
C ASP D 123 10.48 25.08 30.35
N PRO D 124 10.80 24.95 31.64
CA PRO D 124 9.83 24.52 32.64
C PRO D 124 8.47 25.21 32.47
N GLU D 125 8.47 26.53 32.35
CA GLU D 125 7.20 27.25 32.17
C GLU D 125 6.37 26.71 30.97
N LEU D 126 7.01 26.55 29.82
CA LEU D 126 6.27 26.12 28.64
C LEU D 126 5.81 24.65 28.77
N LEU D 127 6.73 23.80 29.28
CA LEU D 127 6.46 22.40 29.70
C LEU D 127 5.22 22.18 30.57
N LYS D 128 4.91 23.14 31.45
CA LYS D 128 3.62 23.18 32.15
C LYS D 128 2.48 23.32 31.16
N GLN D 129 2.58 24.31 30.28
CA GLN D 129 1.54 24.57 29.28
C GLN D 129 1.35 23.40 28.35
N LYS D 130 2.44 22.93 27.77
CA LYS D 130 2.40 21.73 26.96
C LYS D 130 1.66 20.56 27.66
N LEU D 131 1.84 20.45 28.97
CA LEU D 131 1.17 19.42 29.76
C LEU D 131 -0.30 19.68 29.96
N GLN D 132 -0.62 20.86 30.41
CA GLN D 132 -2.01 21.22 30.54
C GLN D 132 -2.64 20.97 29.17
N SER D 133 -1.95 21.34 28.12
CA SER D 133 -2.43 21.17 26.76
C SER D 133 -2.61 19.74 26.40
N TYR D 134 -2.00 18.86 27.15
CA TYR D 134 -2.20 17.48 26.92
C TYR D 134 -3.10 16.88 27.88
N LYS D 135 -3.63 17.70 28.80
CA LYS D 135 -4.70 17.31 29.73
C LYS D 135 -4.31 16.57 31.02
N ILE D 136 -3.05 16.62 31.38
CA ILE D 136 -2.58 15.97 32.59
C ILE D 136 -3.14 16.76 33.71
N SER D 137 -3.28 16.17 34.87
CA SER D 137 -3.85 16.85 36.02
C SER D 137 -2.91 17.76 36.72
N PRO D 138 -3.46 18.83 37.28
CA PRO D 138 -2.68 19.79 38.07
C PRO D 138 -1.91 19.12 39.19
N GLY D 139 -2.07 17.81 39.36
CA GLY D 139 -1.36 17.12 40.39
C GLY D 139 -0.23 16.42 39.69
N GLY D 140 -0.49 16.00 38.48
CA GLY D 140 0.50 15.35 37.68
C GLY D 140 1.57 16.34 37.29
N ILE D 141 1.13 17.42 36.71
CA ILE D 141 2.02 18.40 36.28
C ILE D 141 2.94 18.75 37.37
N SER D 142 2.46 18.63 38.58
CA SER D 142 3.25 18.96 39.71
C SER D 142 4.30 17.92 40.02
N GLN D 143 4.03 16.66 39.74
CA GLN D 143 5.00 15.64 40.00
C GLN D 143 6.01 15.66 38.90
N ILE D 144 5.52 15.84 37.69
CA ILE D 144 6.41 15.82 36.58
C ILE D 144 7.41 16.89 36.74
N LEU D 145 6.96 18.10 36.99
CA LEU D 145 7.87 19.22 37.18
C LEU D 145 8.92 19.04 38.24
N ASP D 146 8.62 18.26 39.30
CA ASP D 146 9.56 18.01 40.43
C ASP D 146 10.74 17.20 39.96
N LEU D 147 10.43 16.10 39.30
CA LEU D 147 11.40 15.17 38.73
C LEU D 147 12.26 15.83 37.66
N VAL D 148 11.62 16.59 36.75
CA VAL D 148 12.36 17.48 35.88
C VAL D 148 13.34 18.39 36.62
N LYS D 149 12.86 19.20 37.57
CA LYS D 149 13.78 20.03 38.38
C LYS D 149 15.00 19.22 38.77
N GLY D 150 14.79 17.96 39.10
CA GLY D 150 15.86 17.11 39.51
C GLY D 150 16.65 16.55 38.37
N THR D 151 16.21 16.79 37.16
CA THR D 151 16.85 16.22 36.02
C THR D 151 16.50 14.77 35.87
N HIS D 152 15.38 14.36 36.41
CA HIS D 152 14.95 12.99 36.28
C HIS D 152 13.95 13.10 35.15
N TYR D 153 14.45 13.13 33.93
CA TYR D 153 13.64 13.35 32.74
C TYR D 153 13.02 12.07 32.28
N GLN D 154 13.79 11.01 32.32
CA GLN D 154 13.30 9.75 31.89
C GLN D 154 12.18 9.34 32.79
N VAL D 155 12.31 9.64 34.06
CA VAL D 155 11.30 9.27 35.00
C VAL D 155 10.17 10.22 34.87
N ALA D 156 10.45 11.34 34.29
CA ALA D 156 9.42 12.34 34.04
C ALA D 156 8.55 11.83 32.91
N CYS D 157 9.19 11.26 31.89
CA CYS D 157 8.46 10.70 30.76
C CYS D 157 7.61 9.58 31.35
N GLN D 158 8.17 8.88 32.30
CA GLN D 158 7.51 7.76 32.91
C GLN D 158 6.18 7.93 33.55
N LYS D 159 5.96 9.02 34.23
CA LYS D 159 4.71 9.28 34.89
C LYS D 159 3.72 9.87 33.90
N TYR D 160 4.23 10.51 32.87
CA TYR D 160 3.39 11.08 31.87
C TYR D 160 2.71 9.89 31.24
N PHE D 161 3.47 8.83 31.01
CA PHE D 161 2.92 7.62 30.45
C PHE D 161 1.85 7.18 31.41
N GLU D 162 2.22 7.19 32.66
CA GLU D 162 1.30 6.83 33.73
C GLU D 162 0.02 7.66 33.68
N MET D 163 0.13 8.99 33.55
CA MET D 163 -1.08 9.85 33.60
C MET D 163 -1.94 9.56 32.41
N ILE D 164 -1.35 9.43 31.26
CA ILE D 164 -2.23 9.29 30.10
C ILE D 164 -2.87 7.89 29.92
N HIS D 165 -2.28 6.83 30.45
CA HIS D 165 -2.94 5.52 30.42
C HIS D 165 -3.77 5.18 31.68
N ASN D 166 -3.71 6.06 32.70
CA ASN D 166 -4.30 5.79 34.01
C ASN D 166 -3.89 4.63 34.90
N VAL D 167 -2.58 4.44 34.96
CA VAL D 167 -1.95 3.27 35.54
C VAL D 167 -1.04 3.75 36.66
N ASP D 168 -1.19 3.16 37.83
CA ASP D 168 -0.44 3.53 39.00
C ASP D 168 1.03 3.32 38.75
N ASP D 169 1.34 2.35 37.89
CA ASP D 169 2.73 2.15 37.51
C ASP D 169 2.88 1.66 36.07
N CYS D 170 4.00 2.03 35.49
CA CYS D 170 4.28 1.70 34.10
C CYS D 170 4.72 0.20 33.97
N GLY D 171 5.47 -0.30 34.94
CA GLY D 171 5.94 -1.67 34.93
C GLY D 171 7.29 -1.79 34.31
N PHE D 172 7.78 -0.73 33.73
CA PHE D 172 9.04 -0.76 33.06
C PHE D 172 9.94 0.41 33.39
N SER D 173 11.16 0.33 32.88
CA SER D 173 12.18 1.35 33.08
C SER D 173 12.51 1.86 31.69
N LEU D 174 11.92 2.99 31.35
CA LEU D 174 12.08 3.60 30.04
C LEU D 174 13.33 4.36 29.60
N ASN D 175 14.02 3.79 28.60
CA ASN D 175 15.16 4.47 28.01
C ASN D 175 15.14 4.47 26.52
N HIS D 176 13.98 4.17 25.93
CA HIS D 176 13.79 4.38 24.48
C HIS D 176 12.46 5.00 24.18
N PRO D 177 12.43 5.99 23.32
CA PRO D 177 11.12 6.48 22.86
C PRO D 177 10.30 5.28 22.30
N ASN D 178 10.89 4.44 21.47
CA ASN D 178 10.21 3.29 20.88
C ASN D 178 9.66 2.30 21.87
N GLN D 179 10.27 2.21 23.05
CA GLN D 179 9.79 1.30 24.08
C GLN D 179 8.49 1.88 24.62
N PHE D 180 8.46 3.17 24.75
CA PHE D 180 7.34 3.88 25.20
C PHE D 180 6.18 3.60 24.33
N PHE D 181 6.45 3.53 23.05
CA PHE D 181 5.43 3.28 22.09
C PHE D 181 4.91 1.87 22.17
N CYS D 182 5.80 0.90 22.24
CA CYS D 182 5.40 -0.48 22.34
C CYS D 182 4.53 -0.64 23.57
N GLU D 183 4.99 -0.15 24.70
CA GLU D 183 4.27 -0.24 25.92
C GLU D 183 2.92 0.43 25.88
N SER D 184 2.85 1.61 25.29
CA SER D 184 1.60 2.35 25.17
C SER D 184 0.59 1.61 24.37
N GLN D 185 1.00 1.00 23.30
CA GLN D 185 0.05 0.21 22.54
C GLN D 185 -0.52 -0.99 23.25
N ARG D 186 0.32 -1.63 24.07
CA ARG D 186 -0.10 -2.77 24.81
C ARG D 186 -1.29 -2.37 25.60
N ILE D 187 -1.25 -1.18 26.17
CA ILE D 187 -2.36 -0.69 26.97
C ILE D 187 -3.61 -0.29 26.14
N LEU D 188 -3.42 0.30 24.96
CA LEU D 188 -4.57 0.78 24.18
C LEU D 188 -5.25 -0.37 23.55
N ASN D 189 -4.52 -1.47 23.36
CA ASN D 189 -5.11 -2.72 22.94
C ASN D 189 -5.33 -3.69 24.11
N GLY D 190 -5.25 -3.21 25.34
CA GLY D 190 -5.53 -3.98 26.57
C GLY D 190 -6.98 -4.48 26.58
FE1 SF4 E . 4.95 6.98 -29.71
FE2 SF4 E . 3.11 8.10 -31.82
FE3 SF4 E . 4.19 5.29 -32.10
FE4 SF4 E . 6.04 7.66 -32.43
S1 SF4 E . 4.20 7.04 -33.33
S2 SF4 E . 6.04 5.92 -31.22
S3 SF4 E . 4.94 8.72 -30.94
S4 SF4 E . 3.11 6.35 -30.61
FE1 SF4 F . -20.56 -1.69 -19.87
FE2 SF4 F . -23.05 -1.88 -21.56
FE3 SF4 F . -20.33 -2.34 -22.80
FE4 SF4 F . -21.15 0.43 -21.93
S1 SF4 F . -21.99 -1.05 -23.21
S2 SF4 F . -19.50 -0.86 -21.52
S3 SF4 F . -22.21 -0.39 -20.27
S4 SF4 F . -21.40 -3.17 -21.15
FE1 SF4 G . 5.27 -16.38 28.31
FE2 SF4 G . 5.74 -19.27 27.56
FE3 SF4 G . 7.78 -17.17 26.84
FE4 SF4 G . 5.12 -17.23 25.42
S1 SF4 G . 6.69 -18.64 25.76
S2 SF4 G . 6.22 -15.75 26.50
S3 SF4 G . 4.17 -17.86 27.23
S4 SF4 G . 6.85 -17.80 28.65
FE1 SF4 H . 13.16 9.46 26.31
FE2 SF4 H . 10.41 10.42 27.11
FE3 SF4 H . 11.44 10.94 24.32
FE4 SF4 H . 12.63 12.41 26.67
S1 SF4 H . 10.66 12.15 25.89
S2 SF4 H . 13.40 11.19 25.09
S3 SF4 H . 12.38 10.68 27.89
S4 SF4 H . 11.19 9.20 25.54
#